data_8GFB
#
_entry.id   8GFB
#
_cell.length_a   176.755
_cell.length_b   176.755
_cell.length_c   176.755
_cell.angle_alpha   90.000
_cell.angle_beta   90.000
_cell.angle_gamma   90.000
#
_symmetry.space_group_name_H-M   'I 2 3'
#
loop_
_entity.id
_entity.type
_entity.pdbx_description
1 polymer 'Lytic transglycosylase domain-containing protein'
2 non-polymer '[(2S)-1,4-dioxan-2-yl]methyl 2-acetamido-2-deoxy-6-O-methyl-beta-D-glucopyranoside'
3 non-polymer 'CITRIC ACID'
4 non-polymer 'DIMETHYL SULFOXIDE'
5 water water
#
_entity_poly.entity_id   1
_entity_poly.type   'polypeptide(L)'
_entity_poly.pdbx_seq_one_letter_code
;MGSSHHHHHHSSGLVPRGSHMQYSIEKLKKEENSLAKDYYIYRLLEKNKISKKDAQDLNSHIFRYIGKIKSELEKIIPLK
PYINPKYAKCYTYTANTILDANLTCQSVRLNSLVFIASLNSKDRTTLAQTFKNQRPDLTNLLLAFNTSDPMSYIVQKEDI
NGFFKLYNYSKKYDLDLNTSLVNKLPNHIGFKDFAQNIIIKKENPKFRHSMLEINPENVSEDSAFYLGVNALTYDKTELA
YDFFKKAAQSFKSQSNKDNAIFWMWLIKNNEEDLKTLSQSSSLNIYSLYAKELTNTPFPKIESLNPSKKKNNFNMQDPFA
WQKINKQIRDANASQLDVLAKEFDTQETLPIYAYILERKNNFKKHYFIMPYYDNIKDYNKTRQALILAIARQESRFIPTA
ISVSYALGMMQFMPFLANHIGEKELKIPNFDQDFMFKPEIAYYFGNYHLNYLESRLKSPLFVAYAYNGGIGFTNRMLARN
DMFKTGKFEPFLSMELVPYQESRIYGKKVLANYIVYRHLLNDSIKISDIFENLIQNKANDLNKS
;
_entity_poly.pdbx_strand_id   A
#
# COMPACT_ATOMS: atom_id res chain seq x y z
N TYR A 23 -12.16 -11.85 27.10
CA TYR A 23 -12.85 -12.75 26.13
C TYR A 23 -12.11 -14.09 26.00
N SER A 24 -12.80 -15.17 26.41
CA SER A 24 -12.33 -16.54 26.25
C SER A 24 -12.51 -16.99 24.81
N ILE A 25 -11.80 -18.06 24.42
CA ILE A 25 -11.90 -18.56 23.06
C ILE A 25 -13.33 -18.98 22.75
N GLU A 26 -14.07 -19.48 23.75
CA GLU A 26 -15.44 -19.97 23.56
C GLU A 26 -16.38 -18.82 23.21
N LYS A 27 -16.17 -17.66 23.84
CA LYS A 27 -17.01 -16.49 23.60
C LYS A 27 -16.67 -15.85 22.25
N LEU A 28 -15.38 -15.85 21.87
CA LEU A 28 -14.97 -15.31 20.58
C LEU A 28 -15.56 -16.13 19.44
N LYS A 29 -15.66 -17.44 19.63
CA LYS A 29 -16.18 -18.33 18.59
C LYS A 29 -17.64 -17.98 18.25
N LYS A 30 -18.38 -17.37 19.18
CA LYS A 30 -19.79 -17.01 18.94
C LYS A 30 -19.95 -15.64 18.28
N GLU A 31 -18.84 -14.96 17.97
CA GLU A 31 -18.83 -13.71 17.21
C GLU A 31 -18.59 -14.03 15.74
N GLU A 32 -19.07 -13.15 14.85
CA GLU A 32 -18.82 -13.25 13.42
C GLU A 32 -17.31 -13.16 13.18
N ASN A 33 -16.87 -13.85 12.11
CA ASN A 33 -15.51 -13.72 11.60
C ASN A 33 -15.27 -12.24 11.22
N SER A 34 -14.13 -11.69 11.67
CA SER A 34 -13.76 -10.29 11.43
C SER A 34 -12.34 -10.07 11.90
N LEU A 35 -11.75 -8.95 11.47
CA LEU A 35 -10.41 -8.57 11.92
C LEU A 35 -10.38 -8.41 13.45
N ALA A 36 -11.50 -8.04 14.08
CA ALA A 36 -11.50 -7.84 15.52
C ALA A 36 -11.38 -9.19 16.23
N LYS A 37 -12.15 -10.16 15.73
CA LYS A 37 -12.13 -11.51 16.24
C LYS A 37 -10.75 -12.10 16.02
N ASP A 38 -10.15 -11.88 14.85
CA ASP A 38 -8.78 -12.30 14.61
C ASP A 38 -7.82 -11.70 15.63
N TYR A 39 -7.90 -10.37 15.81
CA TYR A 39 -7.05 -9.66 16.76
C TYR A 39 -7.10 -10.34 18.12
N TYR A 40 -8.31 -10.64 18.61
CA TYR A 40 -8.51 -11.21 19.93
C TYR A 40 -8.04 -12.66 20.02
N ILE A 41 -8.12 -13.42 18.91
CA ILE A 41 -7.57 -14.75 18.86
C ILE A 41 -6.06 -14.64 18.92
N TYR A 42 -5.53 -13.67 18.18
CA TYR A 42 -4.09 -13.50 18.16
C TYR A 42 -3.61 -13.20 19.59
N ARG A 43 -4.39 -12.43 20.36
CA ARG A 43 -4.00 -12.06 21.71
C ARG A 43 -3.93 -13.31 22.58
N LEU A 44 -4.90 -14.20 22.43
CA LEU A 44 -4.85 -15.47 23.16
C LEU A 44 -3.61 -16.26 22.76
N LEU A 45 -3.29 -16.29 21.48
CA LEU A 45 -2.14 -17.08 21.03
C LEU A 45 -0.82 -16.55 21.58
N GLU A 46 -0.62 -15.21 21.56
CA GLU A 46 0.68 -14.67 21.93
C GLU A 46 0.86 -14.86 23.45
N LYS A 47 -0.25 -14.97 24.20
CA LYS A 47 -0.21 -15.25 25.62
C LYS A 47 -0.27 -16.76 25.94
N ASN A 48 -0.23 -17.63 24.92
CA ASN A 48 -0.08 -19.08 25.11
C ASN A 48 -1.34 -19.66 25.75
N LYS A 49 -2.50 -19.09 25.44
CA LYS A 49 -3.76 -19.51 26.06
C LYS A 49 -4.63 -20.34 25.11
N ILE A 50 -4.16 -20.63 23.89
CA ILE A 50 -4.85 -21.56 22.99
C ILE A 50 -4.15 -22.94 23.06
N SER A 51 -4.83 -23.91 23.65
CA SER A 51 -4.32 -25.27 23.67
C SER A 51 -4.40 -25.90 22.29
N LYS A 52 -3.64 -26.99 22.06
CA LYS A 52 -3.80 -27.87 20.91
C LYS A 52 -5.26 -28.25 20.64
N LYS A 53 -6.04 -28.52 21.68
CA LYS A 53 -7.44 -28.89 21.53
C LYS A 53 -8.28 -27.70 21.07
N ASP A 54 -8.05 -26.48 21.60
CA ASP A 54 -8.78 -25.28 21.19
C ASP A 54 -8.45 -24.98 19.73
N ALA A 55 -7.19 -25.21 19.34
CA ALA A 55 -6.70 -24.90 18.01
C ALA A 55 -7.27 -25.78 16.89
N GLN A 56 -8.00 -26.88 17.21
CA GLN A 56 -8.41 -27.83 16.18
C GLN A 56 -9.38 -27.16 15.19
N ASP A 57 -10.47 -26.55 15.68
CA ASP A 57 -11.51 -26.07 14.76
C ASP A 57 -11.30 -24.59 14.40
N LEU A 58 -10.05 -24.13 14.34
CA LEU A 58 -9.83 -22.70 14.54
C LEU A 58 -9.58 -21.97 13.21
N ASN A 59 -9.04 -22.66 12.19
CA ASN A 59 -8.98 -22.18 10.81
C ASN A 59 -10.27 -21.47 10.38
N SER A 60 -11.41 -22.16 10.56
CA SER A 60 -12.72 -21.69 10.13
C SER A 60 -13.20 -20.49 10.96
N HIS A 61 -12.44 -20.10 12.00
CA HIS A 61 -12.82 -18.99 12.86
C HIS A 61 -12.00 -17.73 12.57
N ILE A 62 -11.13 -17.81 11.59
CA ILE A 62 -10.24 -16.71 11.29
C ILE A 62 -10.63 -16.05 9.97
N PHE A 63 -10.96 -14.75 10.03
CA PHE A 63 -11.36 -13.96 8.87
C PHE A 63 -10.23 -13.89 7.84
N ARG A 64 -9.00 -13.64 8.28
CA ARG A 64 -7.88 -13.44 7.37
C ARG A 64 -6.66 -14.24 7.84
N TYR A 65 -6.57 -15.47 7.32
CA TYR A 65 -5.57 -16.43 7.74
C TYR A 65 -4.25 -16.11 7.05
N ILE A 66 -3.64 -14.98 7.43
CA ILE A 66 -2.41 -14.51 6.78
C ILE A 66 -1.50 -13.89 7.84
N GLY A 67 -0.18 -14.03 7.68
CA GLY A 67 0.76 -13.31 8.52
C GLY A 67 0.89 -13.94 9.91
N LYS A 68 0.96 -13.09 10.94
CA LYS A 68 1.38 -13.50 12.27
C LYS A 68 0.43 -14.53 12.89
N ILE A 69 -0.88 -14.35 12.73
CA ILE A 69 -1.84 -15.28 13.34
C ILE A 69 -1.71 -16.69 12.75
N LYS A 70 -1.36 -16.76 11.46
CA LYS A 70 -1.15 -18.01 10.74
C LYS A 70 0.11 -18.70 11.26
N SER A 71 1.23 -17.96 11.32
CA SER A 71 2.47 -18.54 11.82
C SER A 71 2.36 -18.94 13.30
N GLU A 72 1.50 -18.28 14.09
CA GLU A 72 1.35 -18.59 15.51
C GLU A 72 0.51 -19.86 15.67
N LEU A 73 -0.58 -19.96 14.91
CA LEU A 73 -1.44 -21.12 14.97
C LEU A 73 -0.66 -22.37 14.54
N GLU A 74 0.33 -22.19 13.67
CA GLU A 74 1.04 -23.28 13.02
C GLU A 74 2.16 -23.81 13.90
N LYS A 75 2.58 -23.04 14.90
CA LYS A 75 3.45 -23.52 15.96
C LYS A 75 2.72 -24.57 16.79
N ILE A 76 1.39 -24.45 16.88
CA ILE A 76 0.55 -25.37 17.63
C ILE A 76 0.11 -26.55 16.74
N ILE A 77 -0.40 -26.26 15.52
CA ILE A 77 -0.84 -27.28 14.58
C ILE A 77 -0.26 -26.99 13.20
N PRO A 78 0.89 -27.62 12.81
CA PRO A 78 1.40 -27.45 11.45
C PRO A 78 0.31 -27.80 10.44
N LEU A 79 0.28 -27.13 9.28
CA LEU A 79 -0.28 -27.78 8.11
C LEU A 79 0.88 -28.25 7.24
N LYS A 80 0.88 -29.56 6.96
CA LYS A 80 1.74 -30.15 5.96
C LYS A 80 1.14 -29.95 4.56
N PRO A 81 -0.20 -29.78 4.40
CA PRO A 81 -0.77 -29.37 3.11
C PRO A 81 0.00 -28.31 2.29
N TYR A 82 -0.40 -28.09 1.02
CA TYR A 82 -1.47 -28.76 0.32
C TYR A 82 -0.99 -29.18 -1.06
N ILE A 83 -1.32 -30.40 -1.48
CA ILE A 83 -1.02 -30.91 -2.82
C ILE A 83 -2.25 -31.63 -3.37
N ASN A 84 -2.62 -31.26 -4.62
CA ASN A 84 -3.78 -31.78 -5.32
C ASN A 84 -3.71 -33.31 -5.40
N PRO A 85 -4.69 -34.07 -4.86
CA PRO A 85 -4.67 -35.54 -4.92
C PRO A 85 -4.27 -36.19 -6.24
N LYS A 86 -4.54 -35.46 -7.35
CA LYS A 86 -4.30 -35.93 -8.71
C LYS A 86 -2.80 -36.00 -9.03
N TYR A 87 -2.02 -35.02 -8.55
CA TYR A 87 -0.61 -34.92 -8.89
C TYR A 87 0.29 -35.44 -7.77
N ALA A 88 -0.31 -36.10 -6.76
CA ALA A 88 0.41 -36.54 -5.57
C ALA A 88 1.67 -37.30 -5.96
N LYS A 89 1.54 -38.23 -6.90
CA LYS A 89 2.65 -39.12 -7.22
C LYS A 89 3.76 -38.34 -7.95
N CYS A 90 3.42 -37.18 -8.55
CA CYS A 90 4.40 -36.36 -9.25
C CYS A 90 5.46 -35.85 -8.28
N TYR A 91 5.06 -35.68 -7.02
CA TYR A 91 5.95 -35.12 -6.01
C TYR A 91 6.74 -36.21 -5.28
N THR A 92 6.58 -37.48 -5.68
CA THR A 92 7.47 -38.55 -5.20
C THR A 92 8.78 -38.62 -6.00
N TYR A 93 8.89 -37.91 -7.13
CA TYR A 93 10.11 -37.93 -7.93
C TYR A 93 11.02 -36.77 -7.50
N THR A 94 12.29 -36.90 -7.80
CA THR A 94 13.29 -35.87 -7.61
C THR A 94 14.00 -35.68 -8.95
N ALA A 95 14.89 -34.69 -8.98
CA ALA A 95 15.78 -34.42 -10.10
C ALA A 95 16.47 -35.66 -10.64
N ASN A 96 16.76 -36.63 -9.77
CA ASN A 96 17.47 -37.84 -10.14
C ASN A 96 16.53 -38.88 -10.76
N THR A 97 15.22 -38.83 -10.50
CA THR A 97 14.32 -39.88 -11.00
C THR A 97 13.25 -39.33 -11.94
N ILE A 98 13.35 -38.06 -12.33
CA ILE A 98 12.26 -37.44 -13.07
C ILE A 98 12.08 -38.11 -14.44
N LEU A 99 13.12 -38.74 -15.02
CA LEU A 99 12.97 -39.40 -16.31
C LEU A 99 12.13 -40.69 -16.21
N ASP A 100 11.88 -41.18 -14.98
CA ASP A 100 11.07 -42.36 -14.79
C ASP A 100 9.60 -41.95 -14.65
N ALA A 101 9.32 -40.64 -14.56
CA ALA A 101 7.95 -40.21 -14.33
C ALA A 101 7.20 -40.15 -15.65
N ASN A 102 5.88 -40.35 -15.58
CA ASN A 102 5.01 -40.24 -16.74
C ASN A 102 5.09 -38.79 -17.23
N LEU A 103 4.56 -38.51 -18.41
CA LEU A 103 4.77 -37.23 -19.08
C LEU A 103 4.03 -36.11 -18.35
N THR A 104 2.84 -36.40 -17.83
CA THR A 104 2.11 -35.41 -17.06
C THR A 104 2.93 -34.98 -15.85
N CYS A 105 3.50 -35.96 -15.13
CA CYS A 105 4.28 -35.69 -13.91
C CYS A 105 5.52 -34.86 -14.30
N GLN A 106 6.14 -35.18 -15.44
CA GLN A 106 7.30 -34.44 -15.91
C GLN A 106 6.93 -32.98 -16.11
N SER A 107 5.77 -32.70 -16.72
CA SER A 107 5.46 -31.33 -17.03
C SER A 107 5.06 -30.53 -15.78
N VAL A 108 4.36 -31.17 -14.84
CA VAL A 108 4.00 -30.53 -13.59
C VAL A 108 5.25 -30.05 -12.83
N ARG A 109 6.25 -30.92 -12.68
CA ARG A 109 7.46 -30.60 -11.91
C ARG A 109 8.24 -29.48 -12.59
N LEU A 110 8.09 -29.33 -13.92
CA LEU A 110 8.86 -28.35 -14.66
C LEU A 110 8.22 -26.96 -14.59
N ASN A 111 7.11 -26.82 -13.86
CA ASN A 111 6.58 -25.50 -13.52
C ASN A 111 7.49 -24.72 -12.57
N SER A 112 8.42 -25.41 -11.89
CA SER A 112 9.35 -24.78 -10.96
C SER A 112 10.71 -24.59 -11.61
N LEU A 113 11.18 -23.35 -11.67
CA LEU A 113 12.51 -23.07 -12.24
C LEU A 113 13.64 -23.59 -11.34
N VAL A 114 13.44 -23.60 -10.02
CA VAL A 114 14.42 -24.19 -9.14
C VAL A 114 14.58 -25.68 -9.49
N PHE A 115 13.46 -26.39 -9.69
CA PHE A 115 13.52 -27.79 -10.08
C PHE A 115 14.36 -27.91 -11.36
N ILE A 116 14.05 -27.07 -12.38
CA ILE A 116 14.79 -27.11 -13.64
C ILE A 116 16.28 -26.85 -13.41
N ALA A 117 16.59 -25.85 -12.57
CA ALA A 117 17.97 -25.52 -12.24
C ALA A 117 18.71 -26.71 -11.60
N SER A 118 17.95 -27.53 -10.87
CA SER A 118 18.51 -28.68 -10.16
C SER A 118 18.83 -29.85 -11.09
N LEU A 119 18.25 -29.89 -12.29
CA LEU A 119 18.45 -31.04 -13.16
C LEU A 119 19.88 -30.98 -13.67
N ASN A 120 20.44 -32.11 -14.11
CA ASN A 120 21.69 -32.08 -14.83
C ASN A 120 21.38 -31.76 -16.29
N SER A 121 22.40 -31.31 -17.02
CA SER A 121 22.21 -30.75 -18.35
C SER A 121 21.78 -31.80 -19.38
N LYS A 122 22.25 -33.07 -19.27
CA LYS A 122 21.82 -34.12 -20.19
C LYS A 122 20.32 -34.34 -20.07
N ASP A 123 19.79 -34.34 -18.83
CA ASP A 123 18.36 -34.54 -18.65
C ASP A 123 17.59 -33.28 -19.10
N ARG A 124 18.17 -32.08 -19.03
CA ARG A 124 17.48 -30.89 -19.54
C ARG A 124 17.36 -31.00 -21.06
N THR A 125 18.42 -31.49 -21.72
CA THR A 125 18.42 -31.71 -23.16
C THR A 125 17.36 -32.73 -23.56
N THR A 126 17.28 -33.85 -22.84
CA THR A 126 16.34 -34.91 -23.13
C THR A 126 14.93 -34.40 -22.96
N LEU A 127 14.66 -33.72 -21.84
CA LEU A 127 13.33 -33.19 -21.58
C LEU A 127 12.97 -32.09 -22.58
N ALA A 128 13.95 -31.30 -23.02
CA ALA A 128 13.69 -30.22 -23.97
C ALA A 128 13.13 -30.80 -25.28
N GLN A 129 13.72 -31.91 -25.74
CA GLN A 129 13.24 -32.64 -26.91
C GLN A 129 11.84 -33.20 -26.69
N THR A 130 11.61 -33.83 -25.53
CA THR A 130 10.30 -34.40 -25.24
C THR A 130 9.21 -33.33 -25.42
N PHE A 131 9.51 -32.07 -25.05
CA PHE A 131 8.49 -31.06 -24.90
C PHE A 131 8.49 -30.05 -26.05
N LYS A 132 9.43 -30.16 -27.00
CA LYS A 132 9.56 -29.20 -28.10
C LYS A 132 8.21 -28.89 -28.78
N ASN A 133 7.42 -29.92 -29.10
CA ASN A 133 6.21 -29.71 -29.90
C ASN A 133 5.11 -29.07 -29.07
N GLN A 134 4.78 -29.68 -27.93
CA GLN A 134 3.57 -29.33 -27.20
C GLN A 134 3.82 -28.22 -26.16
N ARG A 135 5.03 -28.17 -25.56
CA ARG A 135 5.35 -27.17 -24.54
C ARG A 135 6.71 -26.53 -24.86
N PRO A 136 6.81 -25.75 -25.96
CA PRO A 136 8.05 -25.06 -26.29
C PRO A 136 8.47 -24.08 -25.18
N ASP A 137 7.51 -23.61 -24.37
CA ASP A 137 7.80 -22.80 -23.19
C ASP A 137 8.74 -23.55 -22.24
N LEU A 138 8.50 -24.84 -22.02
CA LEU A 138 9.33 -25.66 -21.17
C LEU A 138 10.67 -25.87 -21.86
N THR A 139 10.62 -26.22 -23.14
CA THR A 139 11.83 -26.42 -23.92
C THR A 139 12.77 -25.22 -23.79
N ASN A 140 12.24 -24.02 -23.95
CA ASN A 140 13.06 -22.81 -23.88
C ASN A 140 13.72 -22.65 -22.51
N LEU A 141 12.96 -22.93 -21.45
CA LEU A 141 13.52 -22.79 -20.09
C LEU A 141 14.58 -23.88 -19.85
N LEU A 142 14.34 -25.11 -20.35
CA LEU A 142 15.26 -26.20 -20.14
C LEU A 142 16.59 -25.89 -20.82
N LEU A 143 16.53 -25.48 -22.09
CA LEU A 143 17.74 -25.17 -22.81
C LEU A 143 18.37 -23.91 -22.23
N ALA A 144 17.57 -22.99 -21.69
CA ALA A 144 18.14 -21.77 -21.15
C ALA A 144 19.02 -22.11 -19.95
N PHE A 145 18.58 -23.07 -19.12
CA PHE A 145 19.35 -23.44 -17.94
C PHE A 145 20.58 -24.29 -18.27
N ASN A 146 20.72 -24.71 -19.53
CA ASN A 146 21.95 -25.36 -20.00
C ASN A 146 23.00 -24.33 -20.37
N THR A 147 22.71 -23.00 -20.27
CA THR A 147 23.70 -21.98 -20.60
C THR A 147 24.12 -21.30 -19.31
N SER A 148 25.19 -20.51 -19.41
CA SER A 148 25.63 -19.73 -18.25
C SER A 148 24.81 -18.46 -18.04
N ASP A 149 23.91 -18.08 -18.98
CA ASP A 149 23.00 -16.96 -18.75
C ASP A 149 21.61 -17.29 -19.31
N PRO A 150 20.71 -17.87 -18.49
CA PRO A 150 19.40 -18.27 -18.97
C PRO A 150 18.52 -17.12 -19.45
N MET A 151 18.70 -15.94 -18.84
CA MET A 151 17.93 -14.74 -19.20
C MET A 151 18.23 -14.33 -20.64
N SER A 152 19.50 -14.35 -21.01
CA SER A 152 19.95 -13.99 -22.34
C SER A 152 19.34 -14.93 -23.38
N TYR A 153 19.24 -16.21 -23.04
CA TYR A 153 18.69 -17.19 -23.97
C TYR A 153 17.20 -16.91 -24.13
N ILE A 154 16.50 -16.64 -23.03
CA ILE A 154 15.07 -16.37 -23.06
C ILE A 154 14.79 -15.07 -23.82
N VAL A 155 15.59 -14.04 -23.60
CA VAL A 155 15.44 -12.74 -24.26
C VAL A 155 15.66 -12.87 -25.77
N GLN A 156 16.64 -13.68 -26.20
CA GLN A 156 16.85 -13.99 -27.61
C GLN A 156 15.64 -14.71 -28.20
N LYS A 157 14.96 -15.60 -27.48
CA LYS A 157 13.74 -16.22 -28.00
C LYS A 157 12.53 -15.29 -27.94
N GLU A 158 12.60 -14.20 -27.18
CA GLU A 158 11.48 -13.30 -26.98
C GLU A 158 10.31 -14.08 -26.38
N ASP A 159 10.63 -14.98 -25.44
CA ASP A 159 9.66 -15.75 -24.71
C ASP A 159 9.25 -14.92 -23.50
N ILE A 160 8.05 -14.30 -23.59
CA ILE A 160 7.57 -13.32 -22.63
C ILE A 160 7.23 -14.01 -21.30
N ASN A 161 6.52 -15.13 -21.36
CA ASN A 161 6.16 -15.84 -20.14
C ASN A 161 7.43 -16.30 -19.43
N GLY A 162 8.41 -16.77 -20.20
CA GLY A 162 9.70 -17.24 -19.74
C GLY A 162 10.47 -16.13 -19.03
N PHE A 163 10.40 -14.92 -19.59
CA PHE A 163 11.07 -13.76 -19.04
C PHE A 163 10.58 -13.50 -17.63
N PHE A 164 9.27 -13.49 -17.45
CA PHE A 164 8.71 -13.15 -16.16
C PHE A 164 8.96 -14.28 -15.16
N LYS A 165 8.86 -15.55 -15.58
CA LYS A 165 9.17 -16.67 -14.69
C LYS A 165 10.61 -16.55 -14.19
N LEU A 166 11.56 -16.16 -15.05
CA LEU A 166 12.96 -15.98 -14.67
C LEU A 166 13.14 -14.78 -13.75
N TYR A 167 12.42 -13.67 -14.00
CA TYR A 167 12.49 -12.53 -13.10
C TYR A 167 11.98 -12.91 -11.71
N ASN A 168 10.90 -13.68 -11.64
CA ASN A 168 10.35 -14.10 -10.36
C ASN A 168 11.30 -15.07 -9.65
N TYR A 169 12.04 -15.87 -10.41
CA TYR A 169 13.04 -16.81 -9.90
C TYR A 169 14.24 -16.04 -9.36
N SER A 170 14.73 -15.06 -10.12
CA SER A 170 15.82 -14.25 -9.61
C SER A 170 15.78 -12.88 -10.26
N LYS A 171 15.78 -11.86 -9.41
CA LYS A 171 15.88 -10.45 -9.72
C LYS A 171 17.27 -10.01 -10.10
N LYS A 172 18.28 -10.90 -10.03
CA LYS A 172 19.66 -10.53 -10.30
C LYS A 172 19.97 -10.46 -11.80
N TYR A 173 19.24 -11.24 -12.61
CA TYR A 173 19.36 -11.14 -14.06
C TYR A 173 19.07 -9.71 -14.51
N ASP A 174 19.99 -9.17 -15.33
CA ASP A 174 19.87 -7.84 -15.89
C ASP A 174 20.54 -7.80 -17.27
N LEU A 175 19.84 -7.25 -18.28
CA LEU A 175 20.29 -7.30 -19.67
C LEU A 175 19.59 -6.21 -20.46
N ASP A 176 20.22 -5.73 -21.53
CA ASP A 176 19.55 -4.83 -22.45
C ASP A 176 18.49 -5.60 -23.24
N LEU A 177 17.36 -4.92 -23.49
CA LEU A 177 16.23 -5.51 -24.20
C LEU A 177 15.94 -4.59 -25.39
N ASN A 178 15.70 -5.15 -26.58
CA ASN A 178 15.57 -4.30 -27.76
C ASN A 178 14.12 -3.78 -27.80
N THR A 179 13.82 -2.95 -28.81
CA THR A 179 12.56 -2.24 -28.88
C THR A 179 11.40 -3.24 -29.02
N SER A 180 11.57 -4.24 -29.86
CA SER A 180 10.55 -5.24 -30.14
C SER A 180 10.18 -5.99 -28.84
N LEU A 181 11.20 -6.43 -28.09
CA LEU A 181 10.95 -7.20 -26.88
C LEU A 181 10.29 -6.38 -25.79
N VAL A 182 10.79 -5.17 -25.49
CA VAL A 182 10.23 -4.40 -24.38
C VAL A 182 8.78 -4.00 -24.66
N ASN A 183 8.44 -3.77 -25.91
CA ASN A 183 7.07 -3.43 -26.27
C ASN A 183 6.14 -4.64 -26.14
N LYS A 184 6.69 -5.85 -25.95
CA LYS A 184 5.84 -7.02 -25.71
C LYS A 184 5.59 -7.25 -24.22
N LEU A 185 6.46 -6.74 -23.34
CA LEU A 185 6.37 -7.08 -21.92
C LEU A 185 5.06 -6.59 -21.30
N PRO A 186 4.58 -5.36 -21.62
CA PRO A 186 3.42 -4.79 -20.97
C PRO A 186 2.13 -5.61 -21.11
N ASN A 187 2.06 -6.53 -22.06
CA ASN A 187 0.87 -7.33 -22.24
C ASN A 187 0.74 -8.42 -21.17
N HIS A 188 1.79 -8.66 -20.38
CA HIS A 188 1.75 -9.70 -19.36
C HIS A 188 1.34 -9.09 -18.03
N ILE A 189 0.58 -9.82 -17.21
CA ILE A 189 0.12 -9.30 -15.92
C ILE A 189 1.28 -8.95 -14.98
N GLY A 190 2.46 -9.57 -15.17
CA GLY A 190 3.57 -9.30 -14.26
C GLY A 190 4.19 -7.93 -14.50
N PHE A 191 3.84 -7.29 -15.63
CA PHE A 191 4.64 -6.14 -16.05
C PHE A 191 4.60 -4.97 -15.04
N LYS A 192 3.42 -4.67 -14.48
CA LYS A 192 3.23 -3.48 -13.66
C LYS A 192 4.09 -3.55 -12.39
N ASP A 193 4.08 -4.69 -11.70
CA ASP A 193 4.92 -4.90 -10.51
C ASP A 193 6.42 -4.96 -10.83
N PHE A 194 6.79 -5.65 -11.92
CA PHE A 194 8.13 -5.61 -12.49
C PHE A 194 8.62 -4.17 -12.70
N ALA A 195 7.85 -3.37 -13.44
CA ALA A 195 8.28 -2.00 -13.71
C ALA A 195 8.36 -1.20 -12.43
N GLN A 196 7.33 -1.27 -11.61
CA GLN A 196 7.32 -0.50 -10.38
C GLN A 196 8.54 -0.86 -9.52
N ASN A 197 8.73 -2.17 -9.28
CA ASN A 197 9.80 -2.61 -8.40
C ASN A 197 11.16 -2.11 -8.87
N ILE A 198 11.48 -2.36 -10.14
CA ILE A 198 12.84 -2.02 -10.55
C ILE A 198 13.02 -0.51 -10.60
N ILE A 199 11.96 0.27 -10.91
CA ILE A 199 12.10 1.74 -10.95
C ILE A 199 12.21 2.28 -9.52
N ILE A 200 11.33 1.91 -8.56
CA ILE A 200 11.45 2.57 -7.27
C ILE A 200 12.61 2.01 -6.43
N LYS A 201 13.12 0.80 -6.73
CA LYS A 201 14.24 0.23 -5.99
C LYS A 201 15.59 0.58 -6.65
N LYS A 202 15.55 1.12 -7.87
CA LYS A 202 16.73 1.54 -8.61
C LYS A 202 17.61 0.31 -8.85
N GLU A 203 16.99 -0.74 -9.38
CA GLU A 203 17.67 -2.00 -9.61
C GLU A 203 17.58 -2.26 -11.11
N ASN A 204 18.33 -3.26 -11.57
CA ASN A 204 18.24 -3.73 -12.94
C ASN A 204 18.35 -2.53 -13.89
N PRO A 205 19.49 -1.82 -13.90
CA PRO A 205 19.66 -0.66 -14.75
C PRO A 205 19.54 -0.94 -16.25
N LYS A 206 19.86 -2.15 -16.71
CA LYS A 206 19.77 -2.39 -18.13
C LYS A 206 18.30 -2.55 -18.50
N PHE A 207 17.54 -3.19 -17.62
CA PHE A 207 16.09 -3.28 -17.84
C PHE A 207 15.54 -1.85 -17.86
N ARG A 208 15.95 -1.01 -16.90
CA ARG A 208 15.33 0.30 -16.77
C ARG A 208 15.59 1.15 -18.01
N HIS A 209 16.85 1.18 -18.44
CA HIS A 209 17.24 1.94 -19.62
C HIS A 209 16.48 1.46 -20.85
N SER A 210 16.26 0.17 -20.96
CA SER A 210 15.58 -0.43 -22.10
C SER A 210 14.11 0.00 -22.14
N MET A 211 13.51 0.25 -20.97
CA MET A 211 12.10 0.57 -20.90
C MET A 211 11.85 2.02 -21.31
N LEU A 212 12.89 2.78 -21.65
CA LEU A 212 12.73 4.06 -22.34
C LEU A 212 12.09 3.91 -23.73
N GLU A 213 12.17 2.73 -24.35
CA GLU A 213 11.77 2.54 -25.75
C GLU A 213 10.38 1.92 -25.83
N ILE A 214 9.72 1.76 -24.68
CA ILE A 214 8.32 1.34 -24.67
C ILE A 214 7.48 2.50 -25.22
N ASN A 215 6.68 2.16 -26.23
CA ASN A 215 5.73 3.05 -26.87
C ASN A 215 4.62 3.33 -25.88
N PRO A 216 4.33 4.61 -25.54
CA PRO A 216 3.21 4.92 -24.65
C PRO A 216 1.88 4.29 -25.04
N GLU A 217 1.68 4.05 -26.34
CA GLU A 217 0.47 3.40 -26.83
C GLU A 217 0.31 2.00 -26.24
N ASN A 218 1.42 1.37 -25.81
CA ASN A 218 1.37 -0.03 -25.38
C ASN A 218 1.17 -0.14 -23.88
N VAL A 219 1.12 1.00 -23.16
CA VAL A 219 0.92 0.98 -21.71
C VAL A 219 -0.23 1.92 -21.30
N SER A 220 -0.61 1.81 -20.03
CA SER A 220 -1.69 2.59 -19.45
C SER A 220 -1.56 2.61 -17.93
N GLU A 221 -2.22 3.59 -17.30
CA GLU A 221 -2.51 3.60 -15.87
C GLU A 221 -1.17 3.64 -15.11
N ASP A 222 -1.00 2.82 -14.09
CA ASP A 222 0.15 2.87 -13.19
C ASP A 222 1.45 2.61 -13.95
N SER A 223 1.38 1.65 -14.86
CA SER A 223 2.51 1.27 -15.68
C SER A 223 3.03 2.46 -16.45
N ALA A 224 2.10 3.16 -17.14
CA ALA A 224 2.49 4.33 -17.89
C ALA A 224 3.11 5.36 -16.95
N PHE A 225 2.51 5.57 -15.77
CA PHE A 225 3.02 6.56 -14.83
C PHE A 225 4.46 6.24 -14.42
N TYR A 226 4.71 4.98 -14.00
CA TYR A 226 6.05 4.59 -13.56
C TYR A 226 7.06 4.76 -14.69
N LEU A 227 6.65 4.44 -15.93
CA LEU A 227 7.51 4.61 -17.07
C LEU A 227 7.80 6.09 -17.33
N GLY A 228 6.86 6.98 -16.98
CA GLY A 228 7.17 8.42 -16.95
C GLY A 228 8.24 8.78 -15.92
N VAL A 229 8.12 8.23 -14.71
CA VAL A 229 9.12 8.47 -13.68
C VAL A 229 10.49 7.96 -14.14
N ASN A 230 10.49 6.75 -14.73
CA ASN A 230 11.72 6.17 -15.28
C ASN A 230 12.34 7.16 -16.27
N ALA A 231 11.53 7.70 -17.19
CA ALA A 231 12.07 8.58 -18.20
C ALA A 231 12.67 9.85 -17.59
N LEU A 232 12.06 10.39 -16.55
CA LEU A 232 12.65 11.53 -15.87
C LEU A 232 14.02 11.21 -15.27
N THR A 233 14.22 10.00 -14.71
CA THR A 233 15.50 9.70 -14.07
C THR A 233 16.65 9.74 -15.08
N TYR A 234 16.38 9.46 -16.36
CA TYR A 234 17.35 9.50 -17.46
C TYR A 234 17.28 10.82 -18.23
N ASP A 235 16.57 11.83 -17.71
CA ASP A 235 16.41 13.13 -18.34
C ASP A 235 15.84 13.06 -19.76
N LYS A 236 14.92 12.13 -20.01
CA LYS A 236 14.18 12.08 -21.25
C LYS A 236 12.77 12.66 -21.01
N THR A 237 12.72 14.00 -20.99
CA THR A 237 11.55 14.76 -20.54
C THR A 237 10.40 14.69 -21.55
N GLU A 238 10.72 14.63 -22.85
CA GLU A 238 9.68 14.42 -23.84
C GLU A 238 9.01 13.05 -23.68
N LEU A 239 9.81 11.96 -23.57
CA LEU A 239 9.22 10.64 -23.41
C LEU A 239 8.41 10.62 -22.12
N ALA A 240 8.94 11.27 -21.07
CA ALA A 240 8.27 11.31 -19.78
C ALA A 240 6.91 11.96 -19.97
N TYR A 241 6.88 13.14 -20.61
CA TYR A 241 5.61 13.81 -20.87
C TYR A 241 4.62 12.85 -21.53
N ASP A 242 5.05 12.09 -22.56
CA ASP A 242 4.15 11.23 -23.30
C ASP A 242 3.62 10.11 -22.41
N PHE A 243 4.48 9.54 -21.52
CA PHE A 243 3.99 8.49 -20.63
C PHE A 243 2.96 9.07 -19.65
N PHE A 244 3.27 10.23 -19.07
CA PHE A 244 2.39 10.77 -18.04
C PHE A 244 1.03 11.15 -18.63
N LYS A 245 1.05 11.62 -19.88
CA LYS A 245 -0.16 12.01 -20.58
C LYS A 245 -1.00 10.77 -20.87
N LYS A 246 -0.37 9.65 -21.28
CA LYS A 246 -1.14 8.42 -21.39
C LYS A 246 -1.70 7.98 -20.03
N ALA A 247 -0.93 8.15 -18.96
CA ALA A 247 -1.43 7.82 -17.62
C ALA A 247 -2.66 8.67 -17.28
N ALA A 248 -2.56 9.99 -17.54
CA ALA A 248 -3.65 10.92 -17.27
C ALA A 248 -4.94 10.47 -17.95
N GLN A 249 -4.81 9.99 -19.20
CA GLN A 249 -5.98 9.67 -20.01
C GLN A 249 -6.57 8.32 -19.63
N SER A 250 -5.85 7.46 -18.88
CA SER A 250 -6.32 6.12 -18.67
C SER A 250 -6.62 5.88 -17.19
N PHE A 251 -6.06 6.70 -16.29
CA PHE A 251 -6.21 6.40 -14.87
C PHE A 251 -7.70 6.39 -14.51
N LYS A 252 -8.11 5.48 -13.62
CA LYS A 252 -9.49 5.36 -13.18
C LYS A 252 -9.81 6.40 -12.09
N SER A 253 -8.86 6.67 -11.17
CA SER A 253 -9.13 7.56 -10.05
C SER A 253 -8.59 8.96 -10.39
N GLN A 254 -9.37 9.98 -10.00
CA GLN A 254 -9.11 11.39 -10.33
C GLN A 254 -7.82 11.84 -9.63
N SER A 255 -7.57 11.32 -8.43
CA SER A 255 -6.37 11.66 -7.67
C SER A 255 -5.10 11.25 -8.43
N ASN A 256 -5.10 10.02 -8.95
CA ASN A 256 -3.97 9.54 -9.76
C ASN A 256 -3.86 10.35 -11.05
N LYS A 257 -5.00 10.61 -11.71
CA LYS A 257 -5.03 11.43 -12.91
C LYS A 257 -4.39 12.82 -12.65
N ASP A 258 -4.75 13.41 -11.51
CA ASP A 258 -4.16 14.69 -11.09
C ASP A 258 -2.64 14.63 -10.95
N ASN A 259 -2.13 13.55 -10.36
CA ASN A 259 -0.70 13.32 -10.18
C ASN A 259 -0.02 13.30 -11.55
N ALA A 260 -0.62 12.63 -12.53
CA ALA A 260 -0.08 12.58 -13.88
C ALA A 260 -0.15 13.95 -14.57
N ILE A 261 -1.28 14.65 -14.41
CA ILE A 261 -1.42 15.99 -15.01
C ILE A 261 -0.40 16.93 -14.41
N PHE A 262 -0.11 16.78 -13.12
CA PHE A 262 0.90 17.62 -12.50
C PHE A 262 2.26 17.47 -13.19
N TRP A 263 2.62 16.21 -13.52
CA TRP A 263 3.91 15.98 -14.17
C TRP A 263 3.94 16.56 -15.58
N MET A 264 2.84 16.35 -16.34
CA MET A 264 2.65 16.97 -17.65
C MET A 264 2.96 18.47 -17.54
N TRP A 265 2.43 19.12 -16.49
CA TRP A 265 2.62 20.56 -16.33
C TRP A 265 4.08 20.91 -15.99
N LEU A 266 4.65 20.25 -14.98
CA LEU A 266 6.01 20.51 -14.55
C LEU A 266 7.03 20.35 -15.69
N ILE A 267 6.73 19.43 -16.61
CA ILE A 267 7.65 19.16 -17.70
C ILE A 267 7.45 20.20 -18.80
N LYS A 268 6.21 20.48 -19.22
CA LYS A 268 6.03 21.29 -20.43
C LYS A 268 5.41 22.66 -20.17
N ASN A 269 4.78 22.86 -19.00
CA ASN A 269 4.17 24.13 -18.60
C ASN A 269 3.09 24.60 -19.57
N ASN A 270 2.27 23.69 -20.09
CA ASN A 270 1.07 24.08 -20.81
C ASN A 270 0.06 24.54 -19.75
N GLU A 271 -0.49 25.73 -19.93
CA GLU A 271 -1.24 26.34 -18.85
C GLU A 271 -2.65 25.77 -18.81
N GLU A 272 -3.12 25.10 -19.88
CA GLU A 272 -4.37 24.36 -19.81
C GLU A 272 -4.28 23.13 -18.87
N ASP A 273 -3.08 22.56 -18.72
CA ASP A 273 -2.86 21.38 -17.89
C ASP A 273 -2.95 21.82 -16.45
N LEU A 274 -2.31 22.94 -16.10
CA LEU A 274 -2.41 23.45 -14.76
C LEU A 274 -3.84 23.87 -14.41
N LYS A 275 -4.57 24.37 -15.41
CA LYS A 275 -5.92 24.86 -15.17
C LYS A 275 -6.83 23.68 -14.87
N THR A 276 -6.77 22.66 -15.75
CA THR A 276 -7.48 21.41 -15.50
C THR A 276 -7.13 20.86 -14.11
N LEU A 277 -5.86 20.89 -13.70
CA LEU A 277 -5.52 20.35 -12.39
C LEU A 277 -6.11 21.22 -11.26
N SER A 278 -6.13 22.57 -11.44
CA SER A 278 -6.67 23.48 -10.43
C SER A 278 -8.19 23.31 -10.22
N GLN A 279 -8.89 22.72 -11.20
CA GLN A 279 -10.35 22.62 -11.17
C GLN A 279 -10.80 21.20 -10.84
N SER A 280 -9.84 20.33 -10.46
CA SER A 280 -10.14 18.95 -10.11
C SER A 280 -11.13 18.87 -8.95
N SER A 281 -12.03 17.89 -9.02
CA SER A 281 -12.93 17.49 -7.93
C SER A 281 -12.20 16.71 -6.82
N SER A 282 -10.98 16.20 -7.07
CA SER A 282 -10.20 15.51 -6.05
C SER A 282 -9.35 16.50 -5.27
N LEU A 283 -9.39 16.36 -3.95
CA LEU A 283 -8.55 17.15 -3.09
C LEU A 283 -7.30 16.34 -2.76
N ASN A 284 -6.16 16.78 -3.27
CA ASN A 284 -4.88 16.11 -3.09
C ASN A 284 -3.80 17.18 -3.20
N ILE A 285 -2.55 16.81 -2.96
CA ILE A 285 -1.51 17.82 -2.93
C ILE A 285 -1.35 18.52 -4.27
N TYR A 286 -1.67 17.84 -5.39
CA TYR A 286 -1.39 18.37 -6.71
C TYR A 286 -2.45 19.42 -7.06
N SER A 287 -3.72 19.09 -6.83
CA SER A 287 -4.82 20.00 -7.06
C SER A 287 -4.72 21.16 -6.08
N LEU A 288 -4.35 20.93 -4.81
CA LEU A 288 -4.15 22.03 -3.87
C LEU A 288 -3.05 22.95 -4.37
N TYR A 289 -1.91 22.39 -4.81
CA TYR A 289 -0.82 23.24 -5.27
C TYR A 289 -1.24 24.04 -6.50
N ALA A 290 -1.96 23.40 -7.43
CA ALA A 290 -2.39 24.05 -8.65
C ALA A 290 -3.32 25.24 -8.34
N LYS A 291 -4.20 25.09 -7.34
CA LYS A 291 -5.10 26.13 -6.93
C LYS A 291 -4.31 27.31 -6.39
N GLU A 292 -3.30 27.02 -5.60
CA GLU A 292 -2.46 28.04 -5.04
C GLU A 292 -1.66 28.79 -6.13
N LEU A 293 -1.15 28.08 -7.15
CA LEU A 293 -0.37 28.72 -8.21
C LEU A 293 -1.22 29.66 -9.09
N THR A 294 -2.54 29.44 -9.16
CA THR A 294 -3.46 30.14 -10.05
C THR A 294 -4.42 31.05 -9.27
N ASN A 295 -4.13 31.28 -7.98
CA ASN A 295 -4.97 32.15 -7.16
C ASN A 295 -6.42 31.67 -7.14
N THR A 296 -6.65 30.36 -7.30
CA THR A 296 -7.97 29.75 -7.17
C THR A 296 -8.30 29.58 -5.68
N PRO A 297 -9.56 29.83 -5.25
CA PRO A 297 -9.93 29.68 -3.84
C PRO A 297 -9.78 28.25 -3.31
N PHE A 298 -9.53 28.16 -2.01
CA PHE A 298 -9.46 26.89 -1.33
C PHE A 298 -10.74 26.08 -1.53
N PRO A 299 -10.67 24.75 -1.72
CA PRO A 299 -11.87 23.96 -2.00
C PRO A 299 -12.81 24.02 -0.81
N LYS A 300 -14.09 23.84 -1.08
CA LYS A 300 -15.11 23.78 -0.05
C LYS A 300 -14.99 22.51 0.78
N ILE A 301 -14.89 22.72 2.09
CA ILE A 301 -14.94 21.68 3.10
C ILE A 301 -16.31 21.64 3.78
N GLU A 302 -16.97 20.48 3.72
CA GLU A 302 -18.25 20.29 4.38
C GLU A 302 -18.15 20.58 5.86
N SER A 303 -19.30 20.94 6.42
CA SER A 303 -19.46 21.20 7.84
C SER A 303 -20.56 20.32 8.38
N LEU A 304 -20.16 19.39 9.26
CA LEU A 304 -21.07 18.44 9.88
C LEU A 304 -21.25 18.86 11.33
N ASN A 305 -22.48 19.23 11.70
CA ASN A 305 -22.76 19.55 13.10
C ASN A 305 -24.12 18.95 13.46
N PRO A 306 -24.19 17.64 13.77
CA PRO A 306 -25.45 17.01 14.17
C PRO A 306 -26.00 17.58 15.49
N SER A 307 -27.28 17.91 15.51
CA SER A 307 -27.91 18.43 16.73
C SER A 307 -28.15 17.30 17.73
N LYS A 308 -28.67 16.15 17.27
CA LYS A 308 -28.87 14.96 18.10
C LYS A 308 -27.54 14.56 18.75
N LYS A 309 -27.57 14.14 20.03
CA LYS A 309 -26.35 14.06 20.82
C LYS A 309 -25.81 12.62 20.95
N LYS A 310 -26.71 11.62 21.04
CA LYS A 310 -26.29 10.24 21.25
C LYS A 310 -27.24 9.30 20.53
N ASN A 311 -26.85 8.01 20.43
CA ASN A 311 -27.76 6.91 20.17
C ASN A 311 -27.31 5.71 21.02
N ASN A 312 -27.75 4.51 20.63
CA ASN A 312 -27.52 3.29 21.41
C ASN A 312 -26.12 2.73 21.17
N PHE A 313 -25.49 3.13 20.06
CA PHE A 313 -24.31 2.46 19.54
C PHE A 313 -23.12 2.64 20.49
N ASN A 314 -22.41 1.55 20.75
CA ASN A 314 -21.20 1.56 21.55
C ASN A 314 -19.98 1.76 20.63
N MET A 315 -19.42 2.98 20.69
CA MET A 315 -18.24 3.40 19.95
C MET A 315 -16.98 2.76 20.53
N GLN A 316 -17.13 2.02 21.65
CA GLN A 316 -15.98 1.37 22.28
C GLN A 316 -16.04 -0.14 22.07
N ASP A 317 -17.03 -0.64 21.33
CA ASP A 317 -17.12 -2.07 21.05
C ASP A 317 -16.53 -2.35 19.67
N PRO A 318 -15.34 -2.99 19.55
CA PRO A 318 -14.77 -3.24 18.24
C PRO A 318 -15.56 -4.20 17.35
N PHE A 319 -16.35 -5.09 17.97
CA PHE A 319 -17.16 -6.07 17.25
C PHE A 319 -18.32 -5.34 16.58
N ALA A 320 -18.86 -4.33 17.25
CA ALA A 320 -19.97 -3.57 16.71
C ALA A 320 -19.50 -2.76 15.50
N TRP A 321 -18.27 -2.25 15.55
CA TRP A 321 -17.73 -1.55 14.39
C TRP A 321 -17.59 -2.49 13.21
N GLN A 322 -17.04 -3.70 13.42
CA GLN A 322 -16.82 -4.61 12.29
C GLN A 322 -18.15 -4.92 11.59
N LYS A 323 -19.21 -5.09 12.39
CA LYS A 323 -20.55 -5.37 11.91
C LYS A 323 -21.10 -4.19 11.10
N ILE A 324 -21.05 -2.98 11.68
CA ILE A 324 -21.66 -1.84 11.04
C ILE A 324 -20.85 -1.51 9.79
N ASN A 325 -19.53 -1.72 9.84
CA ASN A 325 -18.68 -1.41 8.73
C ASN A 325 -19.04 -2.30 7.54
N LYS A 326 -19.32 -3.57 7.81
CA LYS A 326 -19.68 -4.49 6.74
C LYS A 326 -20.99 -4.04 6.09
N GLN A 327 -22.02 -3.72 6.90
CA GLN A 327 -23.29 -3.19 6.41
C GLN A 327 -23.11 -1.94 5.56
N ILE A 328 -22.29 -1.00 6.02
CA ILE A 328 -22.11 0.24 5.29
C ILE A 328 -21.49 -0.03 3.92
N ARG A 329 -20.50 -0.92 3.85
CA ARG A 329 -19.78 -1.20 2.61
C ARG A 329 -20.66 -2.00 1.64
N ASP A 330 -21.67 -2.72 2.15
CA ASP A 330 -22.53 -3.53 1.30
C ASP A 330 -23.88 -2.84 1.07
N ALA A 331 -24.08 -1.62 1.58
CA ALA A 331 -25.39 -0.98 1.41
C ALA A 331 -25.49 -0.36 0.02
N ASN A 332 -26.66 -0.54 -0.61
CA ASN A 332 -26.98 0.10 -1.87
C ASN A 332 -27.02 1.62 -1.66
N ALA A 333 -27.08 2.39 -2.76
CA ALA A 333 -27.31 3.83 -2.72
C ALA A 333 -28.45 4.23 -1.75
N SER A 334 -29.51 3.39 -1.66
CA SER A 334 -30.67 3.63 -0.80
C SER A 334 -30.43 3.38 0.69
N GLN A 335 -29.79 2.25 1.05
CA GLN A 335 -29.69 1.80 2.45
C GLN A 335 -28.77 2.70 3.28
N LEU A 336 -27.80 3.34 2.63
CA LEU A 336 -26.97 4.36 3.23
C LEU A 336 -27.82 5.42 3.93
N ASP A 337 -28.90 5.87 3.26
CA ASP A 337 -29.71 6.97 3.75
C ASP A 337 -30.30 6.61 5.11
N VAL A 338 -30.61 5.34 5.31
CA VAL A 338 -31.19 4.90 6.59
C VAL A 338 -30.12 4.94 7.69
N LEU A 339 -28.88 4.54 7.33
CA LEU A 339 -27.75 4.47 8.27
C LEU A 339 -27.25 5.89 8.58
N ALA A 340 -27.19 6.76 7.56
CA ALA A 340 -26.88 8.17 7.72
C ALA A 340 -27.71 8.81 8.82
N LYS A 341 -29.04 8.60 8.76
CA LYS A 341 -29.94 9.20 9.72
C LYS A 341 -29.70 8.60 11.10
N GLU A 342 -29.53 7.27 11.15
CA GLU A 342 -29.37 6.60 12.43
C GLU A 342 -28.11 7.11 13.14
N PHE A 343 -27.01 7.35 12.39
CA PHE A 343 -25.73 7.72 12.98
C PHE A 343 -25.48 9.23 12.94
N ASP A 344 -26.52 10.02 12.63
CA ASP A 344 -26.42 11.47 12.60
C ASP A 344 -26.48 12.01 14.03
N THR A 345 -25.46 11.65 14.84
CA THR A 345 -25.35 12.15 16.19
C THR A 345 -23.93 12.62 16.44
N GLN A 346 -23.79 13.41 17.52
CA GLN A 346 -22.49 13.88 17.97
C GLN A 346 -21.63 12.69 18.37
N GLU A 347 -22.24 11.72 19.07
CA GLU A 347 -21.48 10.61 19.66
C GLU A 347 -20.94 9.69 18.55
N THR A 348 -21.66 9.57 17.43
CA THR A 348 -21.26 8.71 16.32
C THR A 348 -20.83 9.55 15.11
N LEU A 349 -20.34 10.77 15.35
CA LEU A 349 -19.93 11.66 14.27
C LEU A 349 -18.99 10.93 13.31
N PRO A 350 -17.95 10.20 13.79
CA PRO A 350 -17.01 9.53 12.89
C PRO A 350 -17.69 8.52 11.94
N ILE A 351 -18.73 7.83 12.43
CA ILE A 351 -19.47 6.91 11.58
C ILE A 351 -20.35 7.70 10.61
N TYR A 352 -20.96 8.83 11.05
CA TYR A 352 -21.75 9.65 10.16
C TYR A 352 -20.91 10.08 8.95
N ALA A 353 -19.73 10.64 9.22
CA ALA A 353 -18.91 11.17 8.14
C ALA A 353 -18.44 10.06 7.22
N TYR A 354 -18.20 8.88 7.79
CA TYR A 354 -17.77 7.71 7.04
C TYR A 354 -18.88 7.28 6.08
N ILE A 355 -20.12 7.26 6.58
CA ILE A 355 -21.26 6.94 5.75
C ILE A 355 -21.45 8.01 4.67
N LEU A 356 -21.38 9.29 5.05
CA LEU A 356 -21.60 10.36 4.09
C LEU A 356 -20.58 10.32 2.96
N GLU A 357 -19.33 10.00 3.28
CA GLU A 357 -18.23 10.04 2.33
C GLU A 357 -18.50 9.03 1.21
N ARG A 358 -18.98 7.84 1.61
CA ARG A 358 -19.40 6.79 0.67
C ARG A 358 -20.68 7.20 -0.06
N LYS A 359 -21.64 7.77 0.67
CA LYS A 359 -22.98 8.06 0.17
C LYS A 359 -22.95 9.07 -0.98
N ASN A 360 -22.04 10.06 -0.91
CA ASN A 360 -21.91 11.11 -1.91
C ASN A 360 -20.83 10.74 -2.94
N ASN A 361 -20.48 9.45 -3.01
CA ASN A 361 -19.49 8.92 -3.96
C ASN A 361 -18.23 9.79 -4.01
N PHE A 362 -17.71 10.15 -2.83
CA PHE A 362 -16.38 10.70 -2.63
C PHE A 362 -16.24 12.10 -3.24
N LYS A 363 -17.38 12.75 -3.53
CA LYS A 363 -17.45 14.01 -4.25
C LYS A 363 -17.33 15.18 -3.26
N LYS A 364 -17.71 14.94 -2.00
CA LYS A 364 -17.68 15.99 -0.99
C LYS A 364 -16.48 15.75 -0.08
N HIS A 365 -15.93 16.83 0.49
CA HIS A 365 -14.76 16.75 1.33
C HIS A 365 -15.10 16.85 2.82
N TYR A 366 -14.86 15.77 3.58
CA TYR A 366 -15.16 15.71 5.01
C TYR A 366 -13.87 15.62 5.81
N PHE A 367 -13.71 16.60 6.68
CA PHE A 367 -12.54 16.78 7.52
C PHE A 367 -13.02 17.11 8.92
N ILE A 368 -13.50 16.07 9.63
CA ILE A 368 -14.06 16.25 10.96
C ILE A 368 -12.93 16.38 11.97
N MET A 369 -13.34 16.81 13.17
CA MET A 369 -12.43 17.05 14.28
C MET A 369 -13.05 16.45 15.53
N PRO A 370 -13.17 15.12 15.67
CA PRO A 370 -13.86 14.55 16.81
C PRO A 370 -12.95 14.46 18.03
N TYR A 371 -13.60 14.43 19.22
CA TYR A 371 -12.94 14.35 20.51
C TYR A 371 -11.96 15.53 20.67
N TYR A 372 -12.38 16.70 20.16
CA TYR A 372 -11.50 17.87 20.00
C TYR A 372 -10.95 18.36 21.35
N ASP A 373 -11.76 18.25 22.40
CA ASP A 373 -11.34 18.59 23.76
C ASP A 373 -9.96 18.04 24.11
N ASN A 374 -9.60 16.86 23.60
CA ASN A 374 -8.33 16.23 23.94
C ASN A 374 -7.16 16.89 23.22
N ILE A 375 -7.41 17.73 22.20
CA ILE A 375 -6.27 18.33 21.52
C ILE A 375 -6.31 19.87 21.48
N LYS A 376 -7.38 20.50 21.98
CA LYS A 376 -7.53 21.95 21.78
C LYS A 376 -6.42 22.77 22.43
N ASP A 377 -5.63 22.18 23.35
CA ASP A 377 -4.59 22.92 24.05
C ASP A 377 -3.24 22.82 23.34
N TYR A 378 -3.10 21.92 22.36
CA TYR A 378 -1.88 21.90 21.56
C TYR A 378 -1.89 23.09 20.62
N ASN A 379 -0.71 23.51 20.16
CA ASN A 379 -0.68 24.54 19.13
C ASN A 379 -1.34 23.98 17.88
N LYS A 380 -1.81 24.87 17.02
CA LYS A 380 -2.71 24.54 15.93
C LYS A 380 -2.01 23.71 14.86
N THR A 381 -0.71 23.93 14.70
CA THR A 381 0.11 23.19 13.76
C THR A 381 0.16 21.72 14.20
N ARG A 382 0.33 21.47 15.50
CA ARG A 382 0.34 20.13 16.07
C ARG A 382 -1.04 19.48 15.97
N GLN A 383 -2.11 20.25 16.18
CA GLN A 383 -3.46 19.77 16.02
C GLN A 383 -3.63 19.23 14.60
N ALA A 384 -3.17 19.99 13.61
CA ALA A 384 -3.42 19.66 12.20
C ALA A 384 -2.70 18.37 11.83
N LEU A 385 -1.47 18.19 12.29
CA LEU A 385 -0.70 16.99 12.02
C LEU A 385 -1.37 15.77 12.65
N ILE A 386 -1.81 15.90 13.91
CA ILE A 386 -2.53 14.84 14.59
C ILE A 386 -3.78 14.46 13.79
N LEU A 387 -4.59 15.44 13.48
CA LEU A 387 -5.83 15.20 12.79
C LEU A 387 -5.57 14.61 11.39
N ALA A 388 -4.51 15.09 10.74
CA ALA A 388 -4.13 14.66 9.41
C ALA A 388 -3.79 13.17 9.38
N ILE A 389 -3.07 12.72 10.42
CA ILE A 389 -2.66 11.33 10.58
C ILE A 389 -3.89 10.48 10.86
N ALA A 390 -4.73 10.94 11.79
CA ALA A 390 -5.89 10.22 12.22
C ALA A 390 -6.88 9.99 11.05
N ARG A 391 -7.11 11.03 10.24
CA ARG A 391 -8.02 10.94 9.12
C ARG A 391 -7.60 9.82 8.17
N GLN A 392 -6.31 9.76 7.81
CA GLN A 392 -5.79 8.73 6.95
C GLN A 392 -5.73 7.36 7.63
N GLU A 393 -5.32 7.32 8.91
CA GLU A 393 -5.10 6.07 9.65
C GLU A 393 -6.43 5.33 9.82
N SER A 394 -7.51 6.03 10.16
CA SER A 394 -8.69 5.38 10.70
C SER A 394 -10.00 6.05 10.31
N ARG A 395 -9.95 7.23 9.67
CA ARG A 395 -11.16 8.04 9.56
C ARG A 395 -11.77 8.27 10.93
N PHE A 396 -10.94 8.29 11.99
CA PHE A 396 -11.39 8.63 13.35
C PHE A 396 -12.30 7.57 13.96
N ILE A 397 -12.28 6.34 13.45
CA ILE A 397 -13.05 5.24 14.05
C ILE A 397 -12.30 4.76 15.29
N PRO A 398 -12.83 4.92 16.51
CA PRO A 398 -12.06 4.60 17.72
C PRO A 398 -11.53 3.17 17.83
N THR A 399 -12.32 2.19 17.35
CA THR A 399 -11.96 0.77 17.44
C THR A 399 -11.44 0.24 16.11
N ALA A 400 -10.88 1.12 15.27
CA ALA A 400 -10.30 0.69 14.01
C ALA A 400 -9.22 -0.34 14.30
N ILE A 401 -9.23 -1.43 13.49
CA ILE A 401 -8.17 -2.44 13.53
C ILE A 401 -7.71 -2.74 12.10
N SER A 402 -6.40 -2.69 11.90
CA SER A 402 -5.81 -2.95 10.60
C SER A 402 -5.46 -4.44 10.47
N VAL A 403 -5.01 -4.83 9.26
CA VAL A 403 -4.72 -6.21 8.92
C VAL A 403 -3.46 -6.64 9.68
N SER A 404 -2.69 -5.67 10.19
CA SER A 404 -1.52 -5.95 11.00
C SER A 404 -1.82 -5.75 12.50
N TYR A 405 -3.10 -5.51 12.81
CA TYR A 405 -3.61 -5.28 14.15
C TYR A 405 -3.05 -3.98 14.77
N ALA A 406 -2.77 -2.95 13.95
CA ALA A 406 -2.64 -1.58 14.45
C ALA A 406 -4.00 -1.12 14.97
N LEU A 407 -4.02 -0.41 16.12
CA LEU A 407 -5.23 -0.18 16.90
C LEU A 407 -5.60 1.32 17.02
N GLY A 408 -6.91 1.57 16.98
CA GLY A 408 -7.56 2.84 17.29
C GLY A 408 -7.35 3.94 16.23
N MET A 409 -7.78 5.16 16.58
CA MET A 409 -7.78 6.31 15.68
C MET A 409 -6.41 6.62 15.07
N MET A 410 -5.35 6.38 15.84
CA MET A 410 -4.01 6.73 15.44
C MET A 410 -3.24 5.47 15.07
N GLN A 411 -3.93 4.31 15.11
CA GLN A 411 -3.37 3.12 14.47
C GLN A 411 -1.97 2.80 14.99
N PHE A 412 -1.86 2.72 16.32
CA PHE A 412 -0.64 2.24 16.98
C PHE A 412 -0.52 0.71 16.87
N MET A 413 0.66 0.26 16.46
CA MET A 413 1.09 -1.12 16.57
C MET A 413 1.20 -1.48 18.06
N PRO A 414 0.74 -2.67 18.53
CA PRO A 414 0.82 -3.04 19.95
C PRO A 414 2.17 -2.85 20.65
N PHE A 415 3.26 -3.12 19.94
CA PHE A 415 4.58 -3.03 20.52
C PHE A 415 4.85 -1.58 20.98
N LEU A 416 4.62 -0.62 20.08
CA LEU A 416 4.87 0.78 20.39
C LEU A 416 3.86 1.25 21.42
N ALA A 417 2.62 0.78 21.36
CA ALA A 417 1.61 1.17 22.32
C ALA A 417 2.01 0.74 23.75
N ASN A 418 2.55 -0.48 23.88
CA ASN A 418 2.94 -1.02 25.18
C ASN A 418 4.22 -0.34 25.68
N HIS A 419 5.17 -0.07 24.81
CA HIS A 419 6.37 0.65 25.23
C HIS A 419 6.00 2.03 25.77
N ILE A 420 5.19 2.81 25.05
CA ILE A 420 4.81 4.13 25.53
C ILE A 420 3.97 3.97 26.80
N GLY A 421 2.93 3.13 26.72
CA GLY A 421 1.95 2.98 27.77
C GLY A 421 2.54 2.47 29.09
N GLU A 422 3.50 1.53 29.02
CA GLU A 422 4.02 0.83 30.18
C GLU A 422 5.38 1.40 30.58
N LYS A 423 6.32 1.50 29.66
CA LYS A 423 7.66 1.93 30.03
C LYS A 423 7.83 3.45 30.11
N GLU A 424 7.13 4.26 29.31
CA GLU A 424 7.40 5.69 29.28
C GLU A 424 6.39 6.42 30.16
N LEU A 425 5.09 6.22 29.94
CA LEU A 425 4.07 6.98 30.63
C LEU A 425 3.60 6.27 31.89
N LYS A 426 3.92 4.98 31.99
CA LYS A 426 3.67 4.19 33.18
C LYS A 426 2.21 4.27 33.62
N ILE A 427 1.27 4.18 32.65
CA ILE A 427 -0.14 4.28 32.98
C ILE A 427 -0.55 3.04 33.79
N PRO A 428 -1.22 3.22 34.95
CA PRO A 428 -1.59 2.09 35.79
C PRO A 428 -2.61 1.17 35.11
N ASN A 429 -2.31 -0.14 35.11
CA ASN A 429 -3.14 -1.20 34.54
C ASN A 429 -3.26 -1.02 33.01
N PHE A 430 -2.22 -0.45 32.37
CA PHE A 430 -2.23 -0.20 30.94
C PHE A 430 -2.45 -1.52 30.21
N ASP A 431 -3.38 -1.49 29.26
CA ASP A 431 -3.49 -2.53 28.25
C ASP A 431 -3.52 -1.86 26.87
N GLN A 432 -2.86 -2.48 25.87
CA GLN A 432 -2.85 -2.02 24.48
C GLN A 432 -4.24 -1.65 23.94
N ASP A 433 -5.32 -2.27 24.43
CA ASP A 433 -6.65 -1.87 24.00
C ASP A 433 -7.06 -0.47 24.46
N PHE A 434 -6.31 0.16 25.37
CA PHE A 434 -6.49 1.57 25.69
C PHE A 434 -6.33 2.47 24.46
N MET A 435 -5.62 2.02 23.42
CA MET A 435 -5.50 2.72 22.15
C MET A 435 -6.86 2.94 21.46
N PHE A 436 -7.90 2.20 21.89
CA PHE A 436 -9.25 2.39 21.40
C PHE A 436 -9.94 3.63 21.99
N LYS A 437 -9.37 4.22 23.05
CA LYS A 437 -9.93 5.40 23.66
C LYS A 437 -9.33 6.62 22.96
N PRO A 438 -10.17 7.54 22.44
CA PRO A 438 -9.67 8.76 21.80
C PRO A 438 -8.65 9.57 22.61
N GLU A 439 -8.88 9.73 23.92
CA GLU A 439 -7.95 10.48 24.76
C GLU A 439 -6.57 9.84 24.72
N ILE A 440 -6.54 8.50 24.71
CA ILE A 440 -5.28 7.82 24.72
C ILE A 440 -4.64 7.91 23.33
N ALA A 441 -5.45 7.71 22.28
CA ALA A 441 -4.87 7.70 20.92
C ALA A 441 -4.20 9.05 20.64
N TYR A 442 -4.93 10.16 20.86
CA TYR A 442 -4.45 11.52 20.63
C TYR A 442 -3.22 11.84 21.49
N TYR A 443 -3.26 11.37 22.75
CA TYR A 443 -2.17 11.60 23.69
C TYR A 443 -0.93 10.84 23.22
N PHE A 444 -1.07 9.55 22.90
CA PHE A 444 0.11 8.82 22.47
C PHE A 444 0.61 9.34 21.11
N GLY A 445 -0.33 9.72 20.24
CA GLY A 445 0.02 10.28 18.94
C GLY A 445 0.81 11.58 19.07
N ASN A 446 0.31 12.46 19.93
CA ASN A 446 1.04 13.69 20.21
C ASN A 446 2.44 13.35 20.66
N TYR A 447 2.55 12.40 21.61
CA TYR A 447 3.84 12.02 22.16
C TYR A 447 4.76 11.43 21.11
N HIS A 448 4.23 10.51 20.28
CA HIS A 448 5.11 9.94 19.25
C HIS A 448 5.42 11.00 18.19
N LEU A 449 4.44 11.85 17.83
CA LEU A 449 4.73 12.85 16.80
C LEU A 449 5.81 13.83 17.25
N ASN A 450 5.83 14.18 18.56
CA ASN A 450 6.91 14.96 19.14
C ASN A 450 8.28 14.36 18.88
N TYR A 451 8.46 13.07 19.15
CA TYR A 451 9.73 12.42 18.91
C TYR A 451 10.10 12.52 17.43
N LEU A 452 9.13 12.34 16.52
CA LEU A 452 9.50 12.27 15.09
C LEU A 452 9.85 13.67 14.56
N GLU A 453 9.01 14.64 14.95
CA GLU A 453 9.14 15.99 14.44
C GLU A 453 10.47 16.60 14.87
N SER A 454 10.86 16.36 16.13
CA SER A 454 12.11 16.87 16.65
C SER A 454 13.30 16.41 15.80
N ARG A 455 13.24 15.22 15.15
CA ARG A 455 14.36 14.74 14.34
C ARG A 455 14.23 15.04 12.84
N LEU A 456 12.99 15.22 12.34
CA LEU A 456 12.72 15.20 10.90
C LEU A 456 12.18 16.55 10.40
N LYS A 457 11.35 17.23 11.22
CA LYS A 457 10.97 18.63 10.97
C LYS A 457 9.77 18.74 10.01
N SER A 458 10.00 18.43 8.73
CA SER A 458 8.91 18.48 7.76
C SER A 458 7.77 17.52 8.15
N PRO A 459 6.49 17.94 8.06
CA PRO A 459 5.37 17.04 8.27
C PRO A 459 5.30 15.89 7.26
N LEU A 460 5.84 16.07 6.04
CA LEU A 460 5.89 14.97 5.11
C LEU A 460 6.77 13.83 5.66
N PHE A 461 7.99 14.18 6.07
CA PHE A 461 8.99 13.24 6.58
C PHE A 461 8.47 12.57 7.84
N VAL A 462 7.74 13.33 8.65
CA VAL A 462 7.14 12.79 9.86
C VAL A 462 6.10 11.73 9.48
N ALA A 463 5.35 12.01 8.40
CA ALA A 463 4.32 11.09 7.96
C ALA A 463 4.97 9.80 7.49
N TYR A 464 6.00 9.91 6.65
CA TYR A 464 6.70 8.74 6.17
C TYR A 464 7.17 7.87 7.36
N ALA A 465 7.74 8.50 8.38
CA ALA A 465 8.33 7.82 9.53
C ALA A 465 7.25 7.27 10.44
N TYR A 466 6.12 7.98 10.53
CA TYR A 466 5.00 7.48 11.31
C TYR A 466 4.50 6.15 10.74
N ASN A 467 4.42 6.02 9.40
CA ASN A 467 3.89 4.84 8.75
C ASN A 467 4.98 3.77 8.58
N GLY A 468 6.22 4.19 8.28
CA GLY A 468 7.25 3.27 7.80
C GLY A 468 8.40 3.07 8.80
N GLY A 469 8.41 3.84 9.90
CA GLY A 469 9.49 3.91 10.87
C GLY A 469 10.57 4.94 10.49
N ILE A 470 11.19 5.52 11.54
CA ILE A 470 12.20 6.55 11.38
C ILE A 470 13.50 5.97 10.81
N GLY A 471 13.73 4.66 11.02
CA GLY A 471 14.84 3.95 10.41
C GLY A 471 14.85 4.07 8.90
N PHE A 472 13.76 3.68 8.21
CA PHE A 472 13.77 3.76 6.75
C PHE A 472 13.76 5.21 6.29
N THR A 473 13.14 6.10 7.07
CA THR A 473 13.09 7.51 6.69
C THR A 473 14.51 8.10 6.74
N ASN A 474 15.23 7.88 7.86
CA ASN A 474 16.62 8.31 7.98
C ASN A 474 17.47 7.71 6.87
N ARG A 475 17.23 6.44 6.49
CA ARG A 475 18.04 5.85 5.44
C ARG A 475 17.73 6.51 4.10
N MET A 476 16.47 6.87 3.85
CA MET A 476 16.16 7.50 2.57
C MET A 476 16.77 8.90 2.51
N LEU A 477 16.69 9.67 3.62
CA LEU A 477 17.20 11.04 3.64
C LEU A 477 18.73 11.12 3.66
N ALA A 478 19.44 10.03 3.98
CA ALA A 478 20.90 10.03 3.98
C ALA A 478 21.46 9.87 2.57
N ARG A 479 20.65 9.36 1.64
CA ARG A 479 21.06 9.19 0.26
C ARG A 479 21.21 10.55 -0.43
N ASN A 480 22.07 10.57 -1.45
CA ASN A 480 22.47 11.79 -2.13
C ASN A 480 21.49 12.08 -3.27
N ASP A 481 20.56 11.15 -3.53
CA ASP A 481 19.67 11.24 -4.69
C ASP A 481 18.22 11.38 -4.24
N MET A 482 17.99 11.74 -2.97
CA MET A 482 16.63 11.81 -2.46
C MET A 482 16.51 13.07 -1.62
N PHE A 483 15.55 13.92 -2.01
CA PHE A 483 15.19 15.14 -1.32
C PHE A 483 16.38 16.10 -1.24
N LYS A 484 17.19 16.10 -2.31
CA LYS A 484 18.26 17.09 -2.50
C LYS A 484 17.79 18.03 -3.60
N THR A 485 18.67 18.93 -4.07
CA THR A 485 18.29 19.90 -5.09
C THR A 485 18.25 19.21 -6.45
N GLY A 486 17.40 19.73 -7.32
CA GLY A 486 17.34 19.29 -8.69
C GLY A 486 16.11 19.87 -9.34
N LYS A 487 16.15 19.83 -10.66
CA LYS A 487 15.15 20.35 -11.57
C LYS A 487 13.72 20.10 -11.07
N PHE A 488 13.44 18.82 -10.76
CA PHE A 488 12.07 18.37 -10.58
C PHE A 488 11.82 17.98 -9.13
N GLU A 489 12.70 18.47 -8.23
CA GLU A 489 12.61 18.21 -6.81
C GLU A 489 11.71 19.25 -6.13
N PRO A 490 11.02 18.92 -5.01
CA PRO A 490 11.12 17.58 -4.40
C PRO A 490 10.16 16.51 -4.94
N PHE A 491 9.42 16.86 -5.98
CA PHE A 491 8.35 16.02 -6.52
C PHE A 491 8.86 14.65 -7.01
N LEU A 492 10.06 14.62 -7.60
CA LEU A 492 10.59 13.37 -8.15
C LEU A 492 10.87 12.42 -6.98
N SER A 493 11.55 12.92 -5.95
CA SER A 493 11.87 12.15 -4.74
C SER A 493 10.64 11.50 -4.15
N MET A 494 9.52 12.24 -4.14
CA MET A 494 8.29 11.75 -3.56
C MET A 494 7.70 10.58 -4.35
N GLU A 495 8.04 10.48 -5.64
CA GLU A 495 7.66 9.38 -6.50
C GLU A 495 8.59 8.16 -6.35
N LEU A 496 9.74 8.30 -5.68
CA LEU A 496 10.75 7.26 -5.59
C LEU A 496 10.92 6.80 -4.14
N VAL A 497 9.99 7.16 -3.25
CA VAL A 497 9.99 6.64 -1.90
C VAL A 497 9.90 5.12 -2.02
N PRO A 498 10.88 4.36 -1.49
CA PRO A 498 10.99 2.94 -1.82
C PRO A 498 9.89 1.98 -1.38
N TYR A 499 8.99 2.34 -0.44
CA TYR A 499 7.83 1.50 -0.10
C TYR A 499 6.54 2.17 -0.56
N GLN A 500 5.80 1.49 -1.44
CA GLN A 500 4.54 1.95 -1.97
C GLN A 500 3.62 2.50 -0.89
N GLU A 501 3.42 1.78 0.19
CA GLU A 501 2.46 2.23 1.19
C GLU A 501 2.87 3.60 1.76
N SER A 502 4.17 3.80 1.94
CA SER A 502 4.70 5.01 2.58
C SER A 502 4.70 6.19 1.59
N ARG A 503 4.94 5.91 0.31
CA ARG A 503 4.87 6.87 -0.78
C ARG A 503 3.49 7.49 -0.88
N ILE A 504 2.47 6.62 -0.83
CA ILE A 504 1.08 7.02 -0.89
C ILE A 504 0.68 7.75 0.37
N TYR A 505 1.04 7.16 1.54
CA TYR A 505 0.64 7.66 2.84
C TYR A 505 1.07 9.12 3.01
N GLY A 506 2.29 9.46 2.60
CA GLY A 506 2.85 10.78 2.81
C GLY A 506 2.15 11.87 2.00
N LYS A 507 1.82 11.54 0.75
CA LYS A 507 1.00 12.40 -0.10
C LYS A 507 -0.36 12.67 0.53
N LYS A 508 -1.04 11.62 1.01
CA LYS A 508 -2.38 11.80 1.55
C LYS A 508 -2.35 12.57 2.85
N VAL A 509 -1.40 12.24 3.74
CA VAL A 509 -1.36 12.91 5.02
C VAL A 509 -0.99 14.38 4.82
N LEU A 510 -0.11 14.71 3.87
CA LEU A 510 0.28 16.08 3.60
C LEU A 510 -0.91 16.92 3.10
N ALA A 511 -1.74 16.41 2.19
CA ALA A 511 -2.98 17.06 1.81
C ALA A 511 -3.86 17.31 3.04
N ASN A 512 -4.04 16.28 3.86
CA ASN A 512 -4.89 16.40 5.04
C ASN A 512 -4.36 17.52 5.94
N TYR A 513 -3.05 17.53 6.16
CA TYR A 513 -2.39 18.52 6.98
C TYR A 513 -2.67 19.94 6.48
N ILE A 514 -2.47 20.18 5.17
CA ILE A 514 -2.75 21.48 4.55
C ILE A 514 -4.20 21.89 4.85
N VAL A 515 -5.14 21.00 4.60
CA VAL A 515 -6.55 21.29 4.85
C VAL A 515 -6.82 21.66 6.31
N TYR A 516 -6.25 20.92 7.27
CA TYR A 516 -6.66 21.10 8.65
C TYR A 516 -6.02 22.38 9.20
N ARG A 517 -4.82 22.71 8.71
CA ARG A 517 -4.19 23.98 9.03
C ARG A 517 -5.11 25.11 8.57
N HIS A 518 -5.76 24.95 7.42
CA HIS A 518 -6.65 25.97 6.91
C HIS A 518 -7.89 26.09 7.80
N LEU A 519 -8.49 24.95 8.13
CA LEU A 519 -9.71 24.92 8.92
C LEU A 519 -9.48 25.50 10.30
N LEU A 520 -8.26 25.37 10.82
CA LEU A 520 -7.95 25.84 12.16
C LEU A 520 -7.50 27.31 12.12
N ASN A 521 -7.63 27.99 10.97
CA ASN A 521 -7.14 29.37 10.82
C ASN A 521 -5.66 29.44 11.10
N ASP A 522 -4.89 28.47 10.59
CA ASP A 522 -3.44 28.47 10.71
C ASP A 522 -2.83 28.01 9.38
N SER A 523 -3.29 28.67 8.30
CA SER A 523 -2.96 28.40 6.93
C SER A 523 -1.48 28.50 6.64
N ILE A 524 -1.03 27.60 5.78
CA ILE A 524 0.30 27.66 5.23
C ILE A 524 0.19 27.40 3.74
N LYS A 525 1.14 27.94 2.98
CA LYS A 525 1.17 27.70 1.56
C LYS A 525 1.82 26.34 1.37
N ILE A 526 1.25 25.50 0.49
CA ILE A 526 1.83 24.21 0.25
C ILE A 526 3.18 24.42 -0.44
N SER A 527 3.36 25.55 -1.12
CA SER A 527 4.66 25.86 -1.73
C SER A 527 5.75 25.98 -0.67
N ASP A 528 5.42 26.45 0.54
CA ASP A 528 6.43 26.55 1.60
C ASP A 528 6.83 25.15 2.06
N ILE A 529 5.85 24.25 2.17
CA ILE A 529 6.15 22.86 2.53
C ILE A 529 7.16 22.30 1.54
N PHE A 530 6.93 22.52 0.22
CA PHE A 530 7.74 21.88 -0.80
C PHE A 530 9.16 22.44 -0.78
N GLU A 531 9.31 23.75 -0.54
CA GLU A 531 10.61 24.39 -0.46
C GLU A 531 11.46 23.80 0.66
N ASN A 532 10.87 23.60 1.85
CA ASN A 532 11.54 23.05 3.02
C ASN A 532 11.83 21.54 2.90
N LEU A 533 11.47 20.88 1.80
CA LEU A 533 11.84 19.48 1.61
C LEU A 533 13.23 19.36 0.98
N ILE A 534 13.67 20.42 0.32
CA ILE A 534 14.97 20.43 -0.34
C ILE A 534 16.06 20.81 0.67
N GLN A 535 16.93 19.85 1.04
CA GLN A 535 18.09 20.17 1.87
C GLN A 535 19.38 20.16 1.02
N ASN A 536 20.43 20.79 1.59
CA ASN A 536 21.57 21.32 0.84
C ASN A 536 22.85 20.57 1.26
#